data_5V21
#
_entry.id   5V21
#
_cell.length_a   58.493
_cell.length_b   76.316
_cell.length_c   77.179
_cell.angle_alpha   90.00
_cell.angle_beta   90.00
_cell.angle_gamma   90.00
#
_symmetry.space_group_name_H-M   'P 21 21 21'
#
loop_
_entity.id
_entity.type
_entity.pdbx_description
1 polymer 'Histone-lysine N-methyltransferase SETD2'
2 polymer 'Histone H3K36M peptide'
3 non-polymer 'ZINC ION'
4 non-polymer S-ADENOSYLMETHIONINE
5 water water
#
loop_
_entity_poly.entity_id
_entity_poly.type
_entity_poly.pdbx_seq_one_letter_code
_entity_poly.pdbx_strand_id
1 'polypeptide(L)'
;MHHHHHHSSGRENLYFQGHMETSVPPGSALVGPSCVMDDFRDPQRWKECAKQGKMPCYFDLIEENVYLTERKKNKSHRDI
KRMQCECTPLSKDERAQGEIACGEDCLNRLLMIECSSRCPNGDYCSNRRFQRKQHADVEVILTEKKGWGLRAAKDLPSNT
FVLEYCGEVLDHKEFKARVKEYARNKNIHYYFMALKNDEIIDATQKGNCSRFMNHSCEPNCETQKWTVNGQLRVGFFTTK
LVPSGSELTFDYQFQRYGKEAQKCFCGSANCRGYLGGENRVSIRAAGGKMKKERSRK
;
A
2 'polypeptide(L)' APATGGVMKPHRYRP B
#
# COMPACT_ATOMS: atom_id res chain seq x y z
N PRO A 33 -7.40 3.71 20.75
CA PRO A 33 -8.48 3.47 19.79
C PRO A 33 -7.90 2.78 18.58
N SER A 34 -8.35 1.55 18.31
CA SER A 34 -7.87 0.78 17.18
C SER A 34 -8.98 -0.15 16.70
N CYS A 35 -8.87 -0.64 15.47
CA CYS A 35 -9.86 -1.59 14.95
C CYS A 35 -9.22 -2.68 14.08
N VAL A 36 -9.97 -3.74 13.78
CA VAL A 36 -9.42 -4.82 12.95
C VAL A 36 -9.88 -4.65 11.54
N MET A 37 -9.34 -5.42 10.63
CA MET A 37 -9.77 -5.19 9.26
C MET A 37 -11.28 -5.48 9.00
N ASP A 38 -11.82 -6.53 9.59
CA ASP A 38 -13.24 -6.85 9.41
C ASP A 38 -14.24 -5.75 9.86
N ASP A 39 -13.82 -4.86 10.76
CA ASP A 39 -14.68 -3.74 11.13
C ASP A 39 -14.99 -2.87 9.92
N PHE A 40 -14.16 -2.97 8.89
CA PHE A 40 -14.39 -2.18 7.67
C PHE A 40 -15.36 -2.84 6.67
N ARG A 41 -15.83 -4.04 7.00
CA ARG A 41 -16.66 -4.80 6.07
C ARG A 41 -18.16 -4.49 6.20
N ASP A 42 -18.53 -3.78 7.25
CA ASP A 42 -19.91 -3.45 7.52
C ASP A 42 -20.07 -1.93 7.59
N PRO A 43 -20.39 -1.28 6.45
CA PRO A 43 -20.41 0.18 6.31
C PRO A 43 -21.27 0.87 7.34
N GLN A 44 -22.33 0.21 7.77
CA GLN A 44 -23.24 0.82 8.73
C GLN A 44 -22.59 0.96 10.11
N ARG A 45 -22.11 -0.15 10.66
CA ARG A 45 -21.41 -0.17 11.93
C ARG A 45 -20.12 0.70 11.90
N TRP A 46 -19.40 0.57 10.80
CA TRP A 46 -18.26 1.41 10.51
C TRP A 46 -18.70 2.84 10.68
N LYS A 47 -19.77 3.21 9.98
CA LYS A 47 -20.22 4.59 9.96
C LYS A 47 -20.53 5.14 11.34
N GLU A 48 -21.22 4.36 12.17
CA GLU A 48 -21.56 4.80 13.50
C GLU A 48 -20.33 4.81 14.44
N CYS A 49 -19.36 3.93 14.21
CA CYS A 49 -18.14 3.97 15.01
C CYS A 49 -17.36 5.25 14.67
N ALA A 50 -17.50 5.68 13.42
CA ALA A 50 -16.77 6.84 12.95
C ALA A 50 -17.31 8.10 13.64
N LYS A 51 -18.65 8.16 13.79
CA LYS A 51 -19.27 9.30 14.47
C LYS A 51 -18.85 9.39 15.94
N GLN A 52 -18.46 8.27 16.52
CA GLN A 52 -17.98 8.24 17.89
C GLN A 52 -16.46 8.33 17.94
N GLY A 53 -15.84 8.58 16.79
CA GLY A 53 -14.39 8.63 16.72
C GLY A 53 -13.73 7.29 16.98
N LYS A 54 -14.49 6.21 16.85
CA LYS A 54 -13.92 4.88 17.08
C LYS A 54 -13.30 4.25 15.82
N MET A 55 -13.62 4.77 14.65
CA MET A 55 -12.99 4.32 13.41
C MET A 55 -12.69 5.53 12.53
N PRO A 56 -11.73 5.39 11.59
CA PRO A 56 -11.38 6.49 10.71
C PRO A 56 -12.60 6.86 9.89
N CYS A 57 -12.45 7.91 9.13
CA CYS A 57 -13.54 8.38 8.33
C CYS A 57 -13.86 7.30 7.28
N TYR A 58 -15.09 7.29 6.81
CA TYR A 58 -15.54 6.30 5.85
C TYR A 58 -14.84 6.46 4.51
N PHE A 59 -14.58 5.35 3.84
CA PHE A 59 -14.16 5.38 2.44
C PHE A 59 -14.74 4.11 1.77
N ASP A 60 -14.80 4.04 0.44
CA ASP A 60 -15.31 2.80 -0.16
C ASP A 60 -14.26 1.74 -0.22
N LEU A 61 -14.52 0.62 0.45
CA LEU A 61 -13.61 -0.49 0.47
C LEU A 61 -13.75 -1.32 -0.80
N ILE A 62 -12.63 -1.58 -1.46
CA ILE A 62 -12.64 -2.32 -2.72
C ILE A 62 -11.53 -3.36 -2.66
N GLU A 63 -11.74 -4.46 -3.38
CA GLU A 63 -10.88 -5.64 -3.23
C GLU A 63 -9.72 -5.60 -4.21
N GLU A 64 -9.75 -4.63 -5.12
CA GLU A 64 -8.78 -4.60 -6.19
C GLU A 64 -8.96 -3.32 -6.98
N ASN A 65 -7.94 -3.00 -7.77
CA ASN A 65 -7.86 -1.71 -8.40
C ASN A 65 -9.04 -1.53 -9.34
N VAL A 66 -9.48 -0.29 -9.52
CA VAL A 66 -10.54 0.00 -10.46
C VAL A 66 -10.13 1.18 -11.33
N TYR A 67 -10.08 0.95 -12.64
CA TYR A 67 -9.59 1.94 -13.58
C TYR A 67 -10.65 2.96 -13.91
N LEU A 68 -10.30 4.22 -13.74
CA LEU A 68 -11.28 5.26 -13.98
C LEU A 68 -11.64 5.29 -15.46
N THR A 69 -10.65 5.10 -16.32
CA THR A 69 -10.92 4.74 -17.70
C THR A 69 -10.11 3.49 -18.04
N GLU A 70 -10.75 2.48 -18.62
CA GLU A 70 -10.08 1.19 -18.81
C GLU A 70 -8.94 1.21 -19.84
N ARG A 71 -8.06 0.22 -19.75
CA ARG A 71 -6.93 0.11 -20.69
C ARG A 71 -6.90 -1.25 -21.40
N GLN A 84 3.32 -18.46 -16.89
CA GLN A 84 3.50 -19.70 -16.12
C GLN A 84 4.94 -19.98 -15.71
N CYS A 85 5.12 -20.61 -14.55
CA CYS A 85 6.45 -20.84 -14.01
C CYS A 85 6.97 -22.23 -14.36
N GLU A 86 8.22 -22.49 -13.99
CA GLU A 86 8.86 -23.79 -14.24
C GLU A 86 8.93 -24.69 -13.03
N CYS A 87 8.31 -24.29 -11.93
CA CYS A 87 8.29 -25.11 -10.73
C CYS A 87 7.79 -26.55 -10.97
N THR A 88 8.52 -27.49 -10.39
CA THR A 88 8.10 -28.89 -10.41
C THR A 88 7.01 -29.12 -9.37
N PRO A 89 5.85 -29.61 -9.83
CA PRO A 89 4.71 -29.80 -8.93
C PRO A 89 5.16 -30.54 -7.71
N LEU A 90 4.79 -29.99 -6.58
CA LEU A 90 5.06 -30.59 -5.29
C LEU A 90 4.15 -31.80 -5.10
N SER A 91 4.76 -32.92 -4.69
CA SER A 91 4.04 -34.13 -4.31
C SER A 91 3.12 -33.92 -3.11
N LYS A 92 2.06 -34.73 -3.03
CA LYS A 92 1.15 -34.75 -1.87
C LYS A 92 1.97 -34.96 -0.61
N ASP A 93 3.00 -35.77 -0.75
CA ASP A 93 3.81 -36.17 0.38
C ASP A 93 4.70 -35.03 0.90
N GLU A 94 5.29 -34.31 -0.06
CA GLU A 94 6.20 -33.20 0.24
C GLU A 94 5.43 -32.03 0.84
N ARG A 95 4.13 -32.01 0.56
CA ARG A 95 3.22 -30.99 1.06
C ARG A 95 2.79 -31.27 2.47
N ALA A 96 2.69 -32.55 2.81
CA ALA A 96 2.43 -32.94 4.18
C ALA A 96 3.69 -32.73 5.03
N GLN A 97 4.86 -32.88 4.42
CA GLN A 97 6.11 -32.65 5.12
C GLN A 97 6.27 -31.14 5.35
N GLY A 98 5.42 -30.36 4.66
CA GLY A 98 5.42 -28.92 4.81
C GLY A 98 6.36 -28.18 3.86
N GLU A 99 6.65 -28.76 2.70
CA GLU A 99 7.49 -28.07 1.74
C GLU A 99 6.65 -26.95 1.13
N ILE A 100 7.28 -26.11 0.33
CA ILE A 100 6.63 -24.89 -0.13
C ILE A 100 6.42 -24.94 -1.63
N ALA A 101 5.25 -24.54 -2.07
CA ALA A 101 4.94 -24.50 -3.49
C ALA A 101 5.24 -23.11 -4.04
N CYS A 102 6.14 -23.04 -5.03
CA CYS A 102 6.56 -21.78 -5.60
C CYS A 102 7.19 -20.91 -4.52
N GLY A 103 8.20 -21.50 -3.88
CA GLY A 103 8.96 -20.80 -2.86
C GLY A 103 9.98 -19.87 -3.49
N GLU A 104 11.06 -19.63 -2.76
CA GLU A 104 12.09 -18.68 -3.16
C GLU A 104 12.60 -18.93 -4.58
N ASP A 105 12.53 -20.16 -5.05
CA ASP A 105 13.12 -20.45 -6.34
C ASP A 105 12.15 -20.45 -7.50
N CYS A 106 10.90 -20.14 -7.24
CA CYS A 106 9.94 -20.03 -8.33
C CYS A 106 10.35 -18.90 -9.30
N LEU A 107 10.18 -19.13 -10.58
CA LEU A 107 10.55 -18.20 -11.64
C LEU A 107 9.62 -16.98 -11.73
N ASN A 108 8.33 -17.17 -11.47
CA ASN A 108 7.44 -16.02 -11.45
C ASN A 108 7.70 -15.20 -10.22
N ARG A 109 7.79 -15.87 -9.08
CA ARG A 109 8.16 -15.15 -7.85
C ARG A 109 9.39 -14.25 -8.06
N LEU A 110 10.49 -14.79 -8.60
CA LEU A 110 11.72 -14.01 -8.71
C LEU A 110 11.56 -12.78 -9.57
N LEU A 111 10.65 -12.83 -10.53
CA LEU A 111 10.38 -11.68 -11.38
C LEU A 111 9.21 -10.88 -10.83
N MET A 112 8.70 -11.26 -9.67
CA MET A 112 7.65 -10.47 -9.06
C MET A 112 6.43 -10.52 -9.98
N ILE A 113 6.18 -11.72 -10.46
CA ILE A 113 4.94 -12.03 -11.18
C ILE A 113 4.20 -13.07 -10.36
N GLU A 114 2.92 -12.86 -10.11
CA GLU A 114 2.14 -13.94 -9.46
C GLU A 114 1.70 -15.02 -10.45
N CYS A 115 1.62 -16.24 -9.95
CA CYS A 115 1.08 -17.39 -10.69
C CYS A 115 -0.42 -17.30 -10.89
N SER A 116 -0.88 -17.83 -12.01
CA SER A 116 -2.31 -17.95 -12.29
C SER A 116 -2.89 -19.19 -11.62
N SER A 117 -4.17 -19.45 -11.88
CA SER A 117 -4.80 -20.69 -11.48
C SER A 117 -4.24 -21.94 -12.19
N ARG A 118 -3.55 -21.72 -13.32
CA ARG A 118 -3.02 -22.80 -14.16
C ARG A 118 -1.61 -23.17 -13.73
N CYS A 119 -1.17 -22.61 -12.60
CA CYS A 119 0.13 -22.92 -12.06
C CYS A 119 0.35 -24.42 -11.85
N PRO A 120 1.57 -24.92 -12.13
CA PRO A 120 1.88 -26.34 -11.90
C PRO A 120 1.51 -26.79 -10.50
N ASN A 121 1.59 -25.90 -9.51
CA ASN A 121 1.27 -26.26 -8.13
C ASN A 121 -0.20 -26.11 -7.77
N GLY A 122 -1.00 -25.66 -8.72
CA GLY A 122 -2.44 -25.59 -8.55
C GLY A 122 -2.86 -24.88 -7.29
N ASP A 123 -3.74 -25.51 -6.51
CA ASP A 123 -4.21 -24.93 -5.25
C ASP A 123 -3.06 -24.62 -4.28
N TYR A 124 -1.99 -25.38 -4.36
CA TYR A 124 -0.91 -25.22 -3.40
C TYR A 124 0.06 -24.03 -3.65
N CYS A 125 -0.11 -23.31 -4.77
CA CYS A 125 0.83 -22.24 -5.09
C CYS A 125 0.84 -21.18 -4.00
N SER A 126 2.01 -20.90 -3.42
CA SER A 126 2.12 -19.86 -2.38
C SER A 126 2.41 -18.46 -2.95
N ASN A 127 2.63 -18.41 -4.28
CA ASN A 127 2.97 -17.21 -5.05
C ASN A 127 1.76 -16.46 -5.59
N ARG A 128 0.60 -16.73 -5.01
CA ARG A 128 -0.67 -16.04 -5.33
C ARG A 128 -1.21 -15.00 -4.32
N ARG A 129 -0.34 -14.54 -3.43
CA ARG A 129 -0.73 -13.65 -2.32
C ARG A 129 -1.67 -12.47 -2.61
N PHE A 130 -1.42 -11.70 -3.66
CA PHE A 130 -2.30 -10.58 -3.97
C PHE A 130 -3.71 -11.08 -4.32
N GLN A 131 -3.80 -12.05 -5.20
CA GLN A 131 -5.10 -12.52 -5.67
C GLN A 131 -5.87 -13.18 -4.52
N ARG A 132 -5.14 -13.86 -3.62
CA ARG A 132 -5.79 -14.56 -2.51
C ARG A 132 -6.07 -13.65 -1.32
N LYS A 133 -5.54 -12.43 -1.40
CA LYS A 133 -5.74 -11.44 -0.36
C LYS A 133 -5.16 -11.97 0.93
N GLN A 134 -3.97 -12.56 0.88
CA GLN A 134 -3.50 -13.11 2.11
C GLN A 134 -2.56 -12.11 2.75
N HIS A 135 -3.16 -11.23 3.54
CA HIS A 135 -2.44 -10.08 4.03
C HIS A 135 -1.89 -10.48 5.36
N ALA A 136 -1.06 -9.62 5.95
CA ALA A 136 -0.55 -9.83 7.30
C ALA A 136 -1.65 -9.52 8.30
N ASP A 137 -1.51 -10.00 9.52
CA ASP A 137 -2.50 -9.69 10.53
C ASP A 137 -2.13 -8.29 11.00
N VAL A 138 -3.03 -7.37 10.70
CA VAL A 138 -2.73 -5.96 10.82
C VAL A 138 -3.93 -5.25 11.42
N GLU A 139 -3.66 -4.16 12.14
CA GLU A 139 -4.72 -3.38 12.73
C GLU A 139 -4.57 -1.91 12.39
N VAL A 140 -5.71 -1.22 12.32
CA VAL A 140 -5.74 0.21 12.11
C VAL A 140 -5.86 0.92 13.45
N ILE A 141 -5.02 1.92 13.68
CA ILE A 141 -4.96 2.61 14.97
C ILE A 141 -4.83 4.10 14.79
N LEU A 142 -5.30 4.83 15.80
CA LEU A 142 -5.16 6.29 15.82
C LEU A 142 -3.83 6.71 16.44
N THR A 143 -2.98 7.39 15.67
CA THR A 143 -1.69 7.83 16.17
C THR A 143 -1.82 9.20 16.82
N GLU A 144 -0.74 9.68 17.40
CA GLU A 144 -0.81 10.93 18.09
C GLU A 144 -0.97 12.14 17.14
N LYS A 145 0.01 12.38 16.28
CA LYS A 145 -0.02 13.48 15.29
C LYS A 145 -0.24 13.16 13.78
N LYS A 146 -0.30 11.88 13.41
CA LYS A 146 -0.35 11.54 11.97
C LYS A 146 -1.71 11.19 11.41
N GLY A 147 -2.74 11.21 12.26
CA GLY A 147 -4.01 10.62 11.94
C GLY A 147 -3.93 9.12 12.21
N TRP A 148 -4.75 8.32 11.51
CA TRP A 148 -4.73 6.86 11.67
C TRP A 148 -3.53 6.17 10.97
N GLY A 149 -3.21 4.96 11.38
CA GLY A 149 -2.04 4.28 10.86
C GLY A 149 -2.18 2.78 10.96
N LEU A 150 -1.11 2.05 10.67
CA LEU A 150 -1.18 0.59 10.74
C LEU A 150 -0.24 -0.03 11.74
N ARG A 151 -0.77 -1.00 12.48
CA ARG A 151 -0.03 -1.69 13.51
C ARG A 151 -0.01 -3.19 13.24
N ALA A 152 1.15 -3.80 13.44
CA ALA A 152 1.27 -5.25 13.31
C ALA A 152 0.56 -5.94 14.49
N ALA A 153 -0.35 -6.85 14.19
CA ALA A 153 -1.05 -7.55 15.27
C ALA A 153 -0.35 -8.85 15.64
N LYS A 154 0.81 -9.11 15.05
CA LYS A 154 1.69 -10.15 15.55
C LYS A 154 3.02 -10.04 14.85
N ASP A 155 3.98 -10.86 15.28
CA ASP A 155 5.32 -10.73 14.76
C ASP A 155 5.30 -10.88 13.26
N LEU A 156 5.93 -9.97 12.53
CA LEU A 156 5.99 -10.13 11.09
C LEU A 156 7.41 -10.38 10.60
N PRO A 157 7.66 -11.59 10.11
CA PRO A 157 8.99 -11.90 9.59
C PRO A 157 9.39 -10.91 8.50
N SER A 158 10.68 -10.88 8.25
CA SER A 158 11.19 -10.07 7.18
C SER A 158 10.60 -10.47 5.82
N ASN A 159 10.30 -9.48 5.01
CA ASN A 159 9.76 -9.73 3.68
C ASN A 159 8.43 -10.47 3.68
N THR A 160 7.55 -10.09 4.59
CA THR A 160 6.18 -10.54 4.61
C THR A 160 5.27 -9.57 3.85
N PHE A 161 4.46 -10.10 2.96
CA PHE A 161 3.38 -9.34 2.33
C PHE A 161 2.45 -8.77 3.39
N VAL A 162 2.20 -7.46 3.29
CA VAL A 162 1.37 -6.75 4.26
C VAL A 162 -0.05 -6.59 3.72
N LEU A 163 -0.20 -5.77 2.69
CA LEU A 163 -1.45 -5.47 1.99
C LEU A 163 -1.12 -4.96 0.58
N GLU A 164 -2.05 -5.05 -0.36
CA GLU A 164 -1.91 -4.32 -1.62
C GLU A 164 -2.38 -2.89 -1.45
N TYR A 165 -1.74 -1.95 -2.14
CA TYR A 165 -2.24 -0.59 -2.07
C TYR A 165 -3.20 -0.46 -3.22
N CYS A 166 -4.50 -0.52 -2.94
CA CYS A 166 -5.57 -0.55 -3.95
C CYS A 166 -6.17 0.83 -4.02
N GLY A 167 -6.67 1.23 -5.20
CA GLY A 167 -7.46 2.45 -5.35
C GLY A 167 -8.04 2.61 -6.74
N GLU A 168 -8.56 3.79 -7.04
CA GLU A 168 -8.96 4.13 -8.41
C GLU A 168 -7.71 4.52 -9.19
N VAL A 169 -7.46 3.85 -10.32
CA VAL A 169 -6.31 4.16 -11.17
C VAL A 169 -6.62 5.29 -12.14
N LEU A 170 -5.78 6.33 -12.08
CA LEU A 170 -5.98 7.61 -12.75
C LEU A 170 -4.98 7.80 -13.88
N ASP A 171 -5.41 8.42 -14.98
CA ASP A 171 -4.45 8.92 -15.97
C ASP A 171 -4.13 10.40 -15.66
N HIS A 172 -3.24 11.01 -16.44
CA HIS A 172 -2.74 12.35 -16.14
C HIS A 172 -3.87 13.32 -16.05
N LYS A 173 -4.83 13.22 -16.96
CA LYS A 173 -5.98 14.13 -16.95
C LYS A 173 -6.81 14.01 -15.69
N GLU A 174 -7.03 12.78 -15.24
CA GLU A 174 -7.81 12.53 -14.03
C GLU A 174 -7.01 12.93 -12.80
N PHE A 175 -5.72 12.64 -12.82
CA PHE A 175 -4.84 13.05 -11.73
C PHE A 175 -4.97 14.55 -11.48
N LYS A 176 -4.72 15.36 -12.50
CA LYS A 176 -4.82 16.80 -12.36
C LYS A 176 -6.20 17.26 -11.87
N ALA A 177 -7.24 16.61 -12.34
CA ALA A 177 -8.57 16.94 -11.89
C ALA A 177 -8.68 16.71 -10.38
N ARG A 178 -8.15 15.58 -9.93
CA ARG A 178 -8.27 15.25 -8.52
C ARG A 178 -7.34 16.12 -7.67
N VAL A 179 -6.16 16.42 -8.17
CA VAL A 179 -5.28 17.35 -7.48
C VAL A 179 -6.05 18.62 -7.10
N LYS A 180 -6.78 19.17 -8.07
CA LYS A 180 -7.55 20.39 -7.86
C LYS A 180 -8.65 20.18 -6.84
N GLU A 181 -9.44 19.12 -7.04
CA GLU A 181 -10.52 18.83 -6.12
C GLU A 181 -10.05 18.69 -4.66
N TYR A 182 -8.91 18.05 -4.46
CA TYR A 182 -8.46 17.77 -3.09
C TYR A 182 -7.89 19.04 -2.46
N ALA A 183 -7.19 19.82 -3.29
CA ALA A 183 -6.68 21.10 -2.86
C ALA A 183 -7.85 21.99 -2.48
N ARG A 184 -8.90 21.94 -3.29
CA ARG A 184 -10.08 22.78 -3.13
C ARG A 184 -10.91 22.37 -1.91
N ASN A 185 -11.00 21.08 -1.63
CA ASN A 185 -11.69 20.62 -0.43
C ASN A 185 -10.87 20.91 0.82
N LYS A 186 -9.58 21.16 0.63
CA LYS A 186 -8.63 21.32 1.75
C LYS A 186 -8.33 20.03 2.50
N ASN A 187 -8.22 18.93 1.75
CA ASN A 187 -7.79 17.67 2.32
C ASN A 187 -6.47 17.84 3.05
N ILE A 188 -6.33 17.13 4.16
CA ILE A 188 -5.03 17.06 4.81
C ILE A 188 -4.22 15.86 4.34
N HIS A 189 -4.76 14.65 4.53
CA HIS A 189 -4.08 13.44 4.08
C HIS A 189 -4.12 13.26 2.56
N TYR A 190 -3.03 12.71 2.02
CA TYR A 190 -2.91 12.45 0.59
C TYR A 190 -2.59 10.99 0.30
N TYR A 191 -3.31 10.48 -0.71
CA TYR A 191 -3.32 9.07 -1.11
C TYR A 191 -2.75 8.64 -2.45
N PHE A 192 -2.11 9.54 -3.18
CA PHE A 192 -1.68 9.25 -4.53
C PHE A 192 -0.42 8.40 -4.47
N MET A 193 -0.39 7.35 -5.28
CA MET A 193 0.76 6.48 -5.37
C MET A 193 1.10 6.22 -6.84
N ALA A 194 2.28 6.66 -7.25
CA ALA A 194 2.73 6.45 -8.62
C ALA A 194 2.83 4.95 -8.94
N LEU A 195 2.20 4.51 -10.02
CA LEU A 195 2.22 3.09 -10.38
C LEU A 195 3.13 2.85 -11.60
N LYS A 196 2.75 3.49 -12.70
CA LYS A 196 3.61 3.60 -13.87
C LYS A 196 3.25 4.93 -14.51
N ASN A 197 4.12 5.44 -15.38
CA ASN A 197 4.15 6.86 -15.72
C ASN A 197 2.79 7.52 -15.99
N ASP A 198 1.90 6.79 -16.68
CA ASP A 198 0.54 7.27 -16.94
C ASP A 198 -0.51 6.75 -15.94
N GLU A 199 -0.04 6.09 -14.89
CA GLU A 199 -0.97 5.48 -13.95
C GLU A 199 -0.66 5.83 -12.49
N ILE A 200 -1.55 6.60 -11.87
CA ILE A 200 -1.46 6.87 -10.44
C ILE A 200 -2.60 6.16 -9.73
N ILE A 201 -2.28 5.53 -8.61
CA ILE A 201 -3.29 4.91 -7.79
C ILE A 201 -3.74 5.91 -6.77
N ASP A 202 -5.03 6.21 -6.79
CA ASP A 202 -5.62 7.17 -5.87
C ASP A 202 -6.48 6.42 -4.87
N ALA A 203 -6.04 6.38 -3.62
CA ALA A 203 -6.79 5.67 -2.59
C ALA A 203 -7.67 6.59 -1.76
N THR A 204 -7.79 7.84 -2.16
CA THR A 204 -8.56 8.79 -1.37
C THR A 204 -10.02 8.39 -1.14
N GLN A 205 -10.74 8.17 -2.23
CA GLN A 205 -12.15 7.82 -2.15
C GLN A 205 -12.41 6.33 -1.99
N LYS A 206 -11.57 5.53 -2.64
CA LYS A 206 -11.71 4.08 -2.66
C LYS A 206 -10.36 3.44 -2.45
N GLY A 207 -10.38 2.36 -1.66
CA GLY A 207 -9.23 1.54 -1.42
C GLY A 207 -9.45 0.54 -0.28
N ASN A 208 -8.34 0.15 0.35
CA ASN A 208 -8.39 -0.70 1.51
C ASN A 208 -7.54 -0.09 2.62
N CYS A 209 -7.32 -0.87 3.67
CA CYS A 209 -6.66 -0.37 4.85
C CYS A 209 -5.21 0.07 4.60
N SER A 210 -4.67 -0.30 3.45
CA SER A 210 -3.31 0.09 3.10
C SER A 210 -3.19 1.61 3.04
N ARG A 211 -4.31 2.30 2.81
CA ARG A 211 -4.25 3.74 2.65
C ARG A 211 -3.82 4.42 3.97
N PHE A 212 -3.78 3.63 5.05
CA PHE A 212 -3.41 4.15 6.37
C PHE A 212 -1.92 4.06 6.74
N MET A 213 -1.09 3.44 5.90
CA MET A 213 0.29 3.27 6.31
C MET A 213 0.96 4.63 6.30
N ASN A 214 1.51 5.02 7.45
CA ASN A 214 2.19 6.29 7.56
C ASN A 214 3.60 6.29 7.01
N HIS A 215 4.14 7.46 6.72
CA HIS A 215 5.50 7.56 6.22
C HIS A 215 6.48 7.42 7.37
N SER A 216 7.67 6.88 7.14
CA SER A 216 8.75 7.02 8.11
C SER A 216 10.11 7.15 7.45
N CYS A 217 10.93 8.04 8.00
CA CYS A 217 12.25 8.28 7.46
C CYS A 217 13.16 7.06 7.71
N GLU A 218 12.74 6.20 8.64
CA GLU A 218 13.38 4.91 8.91
C GLU A 218 12.31 3.82 8.94
N PRO A 219 11.81 3.41 7.77
CA PRO A 219 10.63 2.55 7.67
C PRO A 219 10.90 1.07 7.97
N ASN A 220 9.88 0.33 8.39
CA ASN A 220 9.99 -1.13 8.45
C ASN A 220 9.35 -1.88 7.26
N CYS A 221 8.83 -1.14 6.29
CA CYS A 221 8.15 -1.70 5.11
C CYS A 221 8.66 -1.02 3.82
N GLU A 222 8.37 -1.60 2.66
CA GLU A 222 8.66 -1.01 1.33
C GLU A 222 7.57 -1.42 0.36
N THR A 223 7.41 -0.61 -0.67
CA THR A 223 6.63 -0.99 -1.84
C THR A 223 7.35 -2.03 -2.71
N GLN A 224 6.57 -2.95 -3.29
CA GLN A 224 7.00 -3.80 -4.40
C GLN A 224 5.92 -3.76 -5.46
N LYS A 225 6.37 -3.74 -6.71
CA LYS A 225 5.46 -3.77 -7.85
C LYS A 225 5.35 -5.21 -8.36
N TRP A 226 4.16 -5.79 -8.29
CA TRP A 226 3.97 -7.18 -8.66
C TRP A 226 3.08 -7.24 -9.87
N THR A 227 3.39 -8.16 -10.79
CA THR A 227 2.53 -8.39 -11.93
C THR A 227 1.50 -9.47 -11.62
N VAL A 228 0.24 -9.08 -11.72
CA VAL A 228 -0.86 -10.01 -11.57
C VAL A 228 -1.76 -9.95 -12.81
N ASN A 229 -1.79 -11.03 -13.58
CA ASN A 229 -2.64 -11.07 -14.75
C ASN A 229 -2.31 -9.99 -15.76
N GLY A 230 -1.04 -9.83 -16.08
CA GLY A 230 -0.63 -8.81 -17.04
C GLY A 230 -0.73 -7.39 -16.54
N GLN A 231 -1.29 -7.22 -15.35
CA GLN A 231 -1.50 -5.89 -14.78
C GLN A 231 -0.56 -5.60 -13.62
N LEU A 232 -0.14 -4.35 -13.49
CA LEU A 232 0.81 -4.00 -12.46
C LEU A 232 0.09 -3.54 -11.22
N ARG A 233 0.55 -4.01 -10.06
CA ARG A 233 0.00 -3.62 -8.77
C ARG A 233 1.14 -3.31 -7.84
N VAL A 234 0.84 -2.51 -6.82
CA VAL A 234 1.79 -2.25 -5.77
C VAL A 234 1.30 -2.86 -4.47
N GLY A 235 2.24 -3.37 -3.68
CA GLY A 235 1.93 -3.81 -2.33
C GLY A 235 3.09 -3.48 -1.40
N PHE A 236 2.79 -3.51 -0.10
CA PHE A 236 3.77 -3.24 0.95
C PHE A 236 4.29 -4.58 1.48
N PHE A 237 5.59 -4.63 1.71
CA PHE A 237 6.23 -5.80 2.29
C PHE A 237 7.14 -5.33 3.43
N THR A 238 7.16 -6.06 4.54
CA THR A 238 8.04 -5.72 5.64
C THR A 238 9.48 -5.78 5.11
N THR A 239 10.35 -4.87 5.57
CA THR A 239 11.78 -4.96 5.20
C THR A 239 12.60 -5.61 6.30
N LYS A 240 11.97 -5.91 7.43
CA LYS A 240 12.65 -6.61 8.50
C LYS A 240 11.63 -7.19 9.46
N LEU A 241 12.10 -7.93 10.45
CA LEU A 241 11.23 -8.52 11.46
C LEU A 241 10.51 -7.40 12.18
N VAL A 242 9.17 -7.44 12.20
CA VAL A 242 8.41 -6.37 12.84
C VAL A 242 7.67 -6.92 14.03
N PRO A 243 8.12 -6.60 15.24
CA PRO A 243 7.54 -7.16 16.46
C PRO A 243 6.07 -6.84 16.56
N SER A 244 5.30 -7.75 17.15
CA SER A 244 3.87 -7.53 17.32
C SER A 244 3.62 -6.21 18.04
N GLY A 245 2.66 -5.43 17.56
CA GLY A 245 2.35 -4.14 18.19
C GLY A 245 3.01 -2.88 17.62
N SER A 246 4.09 -3.05 16.86
CA SER A 246 4.76 -1.92 16.21
C SER A 246 3.99 -1.33 15.02
N GLU A 247 4.07 0.00 14.88
CA GLU A 247 3.52 0.69 13.71
C GLU A 247 4.22 0.22 12.43
N LEU A 248 3.45 0.11 11.35
CA LEU A 248 3.99 -0.22 10.03
C LEU A 248 4.12 1.05 9.20
N THR A 249 5.32 1.30 8.70
CA THR A 249 5.62 2.53 8.00
C THR A 249 6.39 2.23 6.72
N PHE A 250 6.24 3.10 5.73
CA PHE A 250 7.22 3.09 4.64
C PHE A 250 7.73 4.47 4.35
N ASP A 251 8.77 4.50 3.53
CA ASP A 251 9.35 5.75 3.11
C ASP A 251 8.61 6.20 1.83
N TYR A 252 7.84 7.27 1.94
CA TYR A 252 7.01 7.74 0.86
C TYR A 252 7.83 8.20 -0.33
N GLN A 253 9.05 8.68 -0.07
CA GLN A 253 9.81 9.34 -1.11
C GLN A 253 8.90 10.34 -1.78
N PHE A 254 8.27 11.14 -0.94
CA PHE A 254 7.10 11.85 -1.37
C PHE A 254 7.50 12.90 -2.41
N GLN A 255 6.78 13.01 -3.52
CA GLN A 255 7.05 14.11 -4.43
C GLN A 255 6.00 15.19 -4.23
N ARG A 256 6.36 16.25 -3.53
CA ARG A 256 5.41 17.26 -3.12
C ARG A 256 5.30 18.36 -4.16
N TYR A 257 4.09 18.63 -4.61
CA TYR A 257 3.84 19.81 -5.45
C TYR A 257 3.22 21.01 -4.70
N GLY A 258 2.84 20.81 -3.44
CA GLY A 258 2.17 21.85 -2.68
C GLY A 258 3.17 22.95 -2.35
N LYS A 259 2.68 24.14 -2.04
CA LYS A 259 3.55 25.25 -1.69
C LYS A 259 4.32 24.93 -0.42
N GLU A 260 3.60 24.51 0.61
CA GLU A 260 4.21 24.18 1.88
C GLU A 260 4.21 22.66 2.07
N ALA A 261 5.30 22.14 2.61
CA ALA A 261 5.41 20.71 2.85
C ALA A 261 4.94 20.41 4.26
N GLN A 262 4.31 19.24 4.44
CA GLN A 262 3.83 18.84 5.75
C GLN A 262 5.02 18.37 6.58
N LYS A 263 5.04 18.75 7.86
CA LYS A 263 6.10 18.34 8.74
C LYS A 263 5.94 16.86 9.05
N CYS A 264 7.08 16.21 9.26
CA CYS A 264 7.14 14.77 9.53
C CYS A 264 7.33 14.48 11.01
N PHE A 265 6.39 13.72 11.58
CA PHE A 265 6.38 13.26 12.96
C PHE A 265 6.88 11.82 13.12
N CYS A 266 7.60 11.30 12.12
CA CYS A 266 8.07 9.93 12.21
C CYS A 266 8.86 9.65 13.50
N GLY A 267 9.57 10.67 13.99
CA GLY A 267 10.32 10.55 15.23
C GLY A 267 11.63 9.82 15.07
N SER A 268 12.03 9.57 13.82
CA SER A 268 13.29 8.89 13.56
C SER A 268 14.45 9.81 13.84
N ALA A 269 15.55 9.20 14.28
CA ALA A 269 16.79 9.93 14.56
C ALA A 269 17.32 10.63 13.31
N ASN A 270 17.04 10.03 12.17
CA ASN A 270 17.41 10.59 10.88
C ASN A 270 16.29 11.39 10.20
N CYS A 271 15.22 11.70 10.92
CA CYS A 271 14.06 12.30 10.29
C CYS A 271 14.44 13.48 9.41
N ARG A 272 13.88 13.56 8.22
CA ARG A 272 14.16 14.65 7.29
C ARG A 272 13.33 15.88 7.53
N GLY A 273 12.44 15.82 8.52
CA GLY A 273 11.65 16.94 8.98
C GLY A 273 10.41 17.28 8.16
N TYR A 274 10.44 17.00 6.86
CA TYR A 274 9.28 17.29 6.01
C TYR A 274 8.90 16.16 5.07
N LEU A 275 7.61 16.05 4.78
CA LEU A 275 7.10 15.04 3.85
C LEU A 275 7.32 15.58 2.45
N GLY A 276 8.23 14.96 1.72
CA GLY A 276 8.54 15.40 0.37
C GLY A 276 9.98 15.88 0.31
N GLY A 277 10.53 16.15 1.49
CA GLY A 277 11.90 16.60 1.62
C GLY A 277 12.12 18.08 1.37
N GLU A 278 13.29 18.38 0.85
CA GLU A 278 13.71 19.75 0.55
C GLU A 278 12.96 20.33 -0.65
N ASN A 279 12.90 19.56 -1.74
CA ASN A 279 12.39 20.07 -3.01
C ASN A 279 10.90 20.08 -3.12
N ARG A 280 10.42 21.06 -3.88
CA ARG A 280 9.06 21.07 -4.32
C ARG A 280 9.18 20.72 -5.79
N VAL A 281 8.29 19.90 -6.30
CA VAL A 281 8.35 19.61 -7.72
C VAL A 281 7.08 20.09 -8.38
N SER A 282 7.10 20.19 -9.70
CA SER A 282 5.92 20.57 -10.47
C SER A 282 4.89 19.48 -10.30
N ILE A 283 3.65 19.84 -10.60
CA ILE A 283 2.56 18.90 -10.57
C ILE A 283 2.75 17.79 -11.63
N ARG A 284 3.12 18.19 -12.86
CA ARG A 284 3.36 17.24 -13.95
C ARG A 284 4.42 16.22 -13.53
N ALA A 285 5.46 16.67 -12.83
CA ALA A 285 6.53 15.76 -12.44
C ALA A 285 6.09 14.79 -11.34
N ALA A 286 5.44 15.32 -10.31
CA ALA A 286 4.86 14.50 -9.25
C ALA A 286 4.03 13.42 -9.89
N GLY A 287 3.30 13.79 -10.94
CA GLY A 287 2.39 12.90 -11.65
C GLY A 287 3.01 11.91 -12.62
N GLY A 288 4.33 12.01 -12.84
CA GLY A 288 5.05 11.09 -13.70
C GLY A 288 5.40 11.64 -15.06
N LYS A 289 5.02 12.90 -15.29
CA LYS A 289 5.24 13.58 -16.56
C LYS A 289 4.15 13.26 -17.59
N ALA B 1 -0.31 26.69 -6.73
CA ALA B 1 -1.73 26.85 -6.39
C ALA B 1 -2.14 25.96 -5.21
N PRO B 2 -2.08 24.61 -5.36
CA PRO B 2 -2.33 23.78 -4.19
C PRO B 2 -1.38 24.09 -3.03
N ALA B 3 -1.94 24.31 -1.84
CA ALA B 3 -1.15 24.65 -0.66
C ALA B 3 -0.32 23.47 -0.18
N THR B 4 -0.93 22.30 -0.24
CA THR B 4 -0.31 21.04 0.14
C THR B 4 -0.71 19.98 -0.89
N GLY B 5 0.18 19.02 -1.09
CA GLY B 5 -0.15 17.82 -1.84
C GLY B 5 1.09 17.18 -2.44
N GLY B 6 0.93 15.96 -2.91
CA GLY B 6 2.04 15.25 -3.54
C GLY B 6 1.76 13.78 -3.72
N VAL B 7 2.72 13.10 -4.36
CA VAL B 7 2.55 11.72 -4.75
C VAL B 7 3.59 10.81 -4.11
N MET B 8 3.15 9.66 -3.65
CA MET B 8 4.06 8.72 -3.02
C MET B 8 4.75 7.99 -4.14
N LYS B 9 6.06 7.85 -4.05
CA LYS B 9 6.81 7.23 -5.12
C LYS B 9 7.37 5.85 -4.73
N PRO B 10 6.83 4.78 -5.32
CA PRO B 10 7.36 3.47 -4.96
C PRO B 10 8.85 3.40 -5.23
N HIS B 11 9.57 2.79 -4.31
CA HIS B 11 10.98 2.51 -4.52
C HIS B 11 11.35 1.35 -3.62
N ARG B 12 12.36 0.56 -3.99
CA ARG B 12 12.79 -0.56 -3.15
C ARG B 12 13.71 -0.10 -2.03
N TYR B 13 13.52 -0.61 -0.83
CA TYR B 13 14.40 -0.28 0.28
C TYR B 13 15.83 -0.75 0.06
N ARG B 14 16.76 0.20 0.16
CA ARG B 14 18.19 -0.08 0.10
C ARG B 14 18.84 0.56 1.32
N PRO B 15 19.77 -0.16 1.98
CA PRO B 15 20.33 0.28 3.26
C PRO B 15 21.62 1.10 3.09
#